data_8QGM
#
_entry.id   8QGM
#
_cell.length_a   62.850
_cell.length_b   74.354
_cell.length_c   118.435
_cell.angle_alpha   90.000
_cell.angle_beta   90.000
_cell.angle_gamma   90.000
#
_symmetry.space_group_name_H-M   'I 2 2 2'
#
loop_
_entity.id
_entity.type
_entity.pdbx_description
1 polymer 'NAD kinase 1'
2 non-polymer 'CITRIC ACID'
3 non-polymer 8-[3-[[(2~{R},3~{S},4~{R},5~{R})-5-(6-aminopurin-9-yl)-3,4-bis(oxidanyl)oxolan-2-yl]methyl-methyl-amino]prop-1-ynyl]-6-azanyl-9-[(2~{R},3~{R},4~{S},5~{R})-5-[(dimethylsulfamoylamino)methyl]-3,4-bis(oxidanyl)oxolan-2-yl]purine
4 water water
#
_entity_poly.entity_id   1
_entity_poly.type   'polypeptide(L)'
_entity_poly.pdbx_seq_one_letter_code
;MKYMITSKGDEKSDLLRLNMIAGFGEYDMEYDDVEPEIVISIGGDGTFLSAFHQYEERLDEIAFIGIHTGHLGFYADWRP
AEADKLVKLLAKGEYQKVSYPLLKTTVKYGIGKKEATYLALNESTVKSSGGPFVVDVVINDIHFERFRGDGLCMSTPSGT
TAYNKSLGGALMHPSIEAMQLTEMASINNRVYRTIGSPLVFPKHHVVSLQPVNDKDFQISVDHLSILHRDVQEIRYEVSA
KKIHFARFRSFPFWRRVHDSFIEDLEHHHHHH
;
_entity_poly.pdbx_strand_id   A
#
# COMPACT_ATOMS: atom_id res chain seq x y z
N MET A 1 11.69 20.34 -9.80
CA MET A 1 13.09 20.04 -9.55
C MET A 1 13.47 18.73 -10.25
N LYS A 2 14.23 17.86 -9.57
CA LYS A 2 14.51 16.53 -10.11
C LYS A 2 13.24 15.71 -10.08
N TYR A 3 12.96 15.01 -11.19
CA TYR A 3 11.79 14.15 -11.27
C TYR A 3 12.17 12.85 -12.00
N MET A 4 11.30 11.86 -11.93
CA MET A 4 11.42 10.75 -12.87
C MET A 4 10.01 10.25 -13.19
N ILE A 5 9.92 9.45 -14.24
CA ILE A 5 8.63 8.89 -14.66
C ILE A 5 8.77 7.39 -14.86
N THR A 6 7.93 6.61 -14.18
CA THR A 6 7.82 5.19 -14.44
C THR A 6 6.60 4.94 -15.31
N SER A 7 6.69 3.92 -16.15
CA SER A 7 5.62 3.60 -17.06
C SER A 7 5.24 2.12 -16.92
N LYS A 8 3.95 1.86 -17.10
CA LYS A 8 3.48 0.48 -17.20
C LYS A 8 4.17 -0.27 -18.33
N GLY A 9 4.64 0.43 -19.36
CA GLY A 9 5.39 -0.24 -20.40
C GLY A 9 4.60 -0.62 -21.63
N ASP A 10 3.30 -0.38 -21.67
CA ASP A 10 2.61 -0.58 -22.92
C ASP A 10 2.83 0.64 -23.80
N GLU A 11 2.40 0.56 -25.06
CA GLU A 11 2.66 1.65 -26.00
C GLU A 11 2.05 2.96 -25.51
N LYS A 12 0.83 2.92 -24.97
CA LYS A 12 0.18 4.14 -24.53
C LYS A 12 0.95 4.84 -23.41
N SER A 13 1.41 4.07 -22.42
CA SER A 13 2.09 4.69 -21.29
C SER A 13 3.50 5.13 -21.63
N ASP A 14 4.21 4.35 -22.43
CA ASP A 14 5.55 4.77 -22.87
C ASP A 14 5.50 6.07 -23.67
N LEU A 15 4.51 6.21 -24.55
CA LEU A 15 4.42 7.43 -25.37
C LEU A 15 4.04 8.63 -24.51
N LEU A 16 3.12 8.45 -23.57
CA LEU A 16 2.80 9.53 -22.66
C LEU A 16 4.05 9.95 -21.88
N ARG A 17 4.80 8.98 -21.40
CA ARG A 17 6.03 9.29 -20.68
C ARG A 17 6.98 10.09 -21.55
N LEU A 18 7.18 9.66 -22.80
CA LEU A 18 8.09 10.40 -23.68
C LEU A 18 7.60 11.82 -23.91
N ASN A 19 6.29 11.97 -24.09
CA ASN A 19 5.75 13.31 -24.33
C ASN A 19 5.84 14.18 -23.09
N MET A 20 5.69 13.60 -21.88
CA MET A 20 5.84 14.43 -20.70
C MET A 20 7.29 14.83 -20.50
N ILE A 21 8.22 13.92 -20.81
CA ILE A 21 9.63 14.25 -20.68
C ILE A 21 9.96 15.42 -21.60
N ALA A 22 9.39 15.41 -22.81
CA ALA A 22 9.64 16.51 -23.72
C ALA A 22 9.06 17.82 -23.18
N GLY A 23 7.87 17.76 -22.58
CA GLY A 23 7.30 18.96 -21.98
C GLY A 23 8.13 19.45 -20.82
N PHE A 24 8.60 18.54 -19.95
CA PHE A 24 9.43 18.97 -18.84
C PHE A 24 10.72 19.61 -19.33
N GLY A 25 11.23 19.18 -20.48
CA GLY A 25 12.46 19.78 -20.99
C GLY A 25 12.35 21.26 -21.28
N GLU A 26 11.13 21.78 -21.39
CA GLU A 26 10.91 23.21 -21.59
C GLU A 26 10.92 24.01 -20.29
N TYR A 27 11.15 23.37 -19.13
CA TYR A 27 11.23 24.05 -17.85
C TYR A 27 12.53 23.68 -17.14
N ASP A 28 12.73 24.22 -15.94
CA ASP A 28 13.88 23.88 -15.09
C ASP A 28 13.57 22.60 -14.33
N MET A 29 13.57 21.49 -15.07
CA MET A 29 13.26 20.18 -14.53
C MET A 29 14.29 19.21 -15.07
N GLU A 30 15.08 18.62 -14.18
CA GLU A 30 16.09 17.63 -14.53
C GLU A 30 15.53 16.22 -14.28
N TYR A 31 15.66 15.35 -15.29
CA TYR A 31 15.29 13.94 -15.13
C TYR A 31 16.36 13.23 -14.30
N ASP A 32 15.97 12.66 -13.17
CA ASP A 32 16.93 12.03 -12.27
C ASP A 32 16.20 10.90 -11.58
N ASP A 33 16.54 9.66 -11.93
CA ASP A 33 15.86 8.53 -11.31
C ASP A 33 16.66 7.91 -10.18
N VAL A 34 17.75 8.55 -9.77
CA VAL A 34 18.43 8.17 -8.54
C VAL A 34 17.91 8.96 -7.36
N GLU A 35 17.91 10.29 -7.44
CA GLU A 35 17.40 11.15 -6.37
C GLU A 35 16.29 12.09 -6.84
N PRO A 36 15.20 11.56 -7.39
CA PRO A 36 14.07 12.44 -7.73
C PRO A 36 13.44 13.04 -6.49
N GLU A 37 12.76 14.17 -6.70
CA GLU A 37 11.86 14.74 -5.72
C GLU A 37 10.40 14.58 -6.10
N ILE A 38 10.12 14.34 -7.39
CA ILE A 38 8.81 14.02 -7.92
C ILE A 38 8.94 12.70 -8.66
N VAL A 39 8.05 11.77 -8.35
CA VAL A 39 7.95 10.49 -9.03
C VAL A 39 6.56 10.41 -9.65
N ILE A 40 6.51 10.33 -10.97
CA ILE A 40 5.28 10.19 -11.71
C ILE A 40 5.17 8.75 -12.16
N SER A 41 4.04 8.14 -11.88
CA SER A 41 3.74 6.77 -12.26
C SER A 41 2.66 6.81 -13.34
N ILE A 42 2.93 6.23 -14.50
CA ILE A 42 1.94 6.21 -15.59
C ILE A 42 1.53 4.76 -15.82
N GLY A 43 0.30 4.43 -15.43
CA GLY A 43 -0.19 3.10 -15.60
C GLY A 43 -1.40 2.84 -14.72
N GLY A 44 -1.32 1.82 -13.92
CA GLY A 44 -2.41 1.49 -13.02
C GLY A 44 -1.90 1.54 -11.61
N ASP A 45 -2.66 0.97 -10.68
CA ASP A 45 -2.25 0.99 -9.28
C ASP A 45 -1.06 0.07 -9.05
N GLY A 46 -0.93 -1.00 -9.85
CA GLY A 46 0.27 -1.83 -9.76
C GLY A 46 1.52 -1.06 -10.12
N THR A 47 1.45 -0.24 -11.19
CA THR A 47 2.57 0.63 -11.55
C THR A 47 2.89 1.59 -10.44
N PHE A 48 1.86 2.14 -9.82
CA PHE A 48 2.07 3.07 -8.73
C PHE A 48 2.71 2.37 -7.53
N LEU A 49 2.17 1.20 -7.17
CA LEU A 49 2.78 0.43 -6.08
C LEU A 49 4.26 0.12 -6.37
N SER A 50 4.59 -0.23 -7.63
CA SER A 50 6.00 -0.51 -7.92
C SER A 50 6.86 0.74 -7.81
N ALA A 51 6.33 1.90 -8.18
CA ALA A 51 7.07 3.15 -8.02
C ALA A 51 7.33 3.44 -6.55
N PHE A 52 6.30 3.29 -5.72
CA PHE A 52 6.47 3.44 -4.28
C PHE A 52 7.61 2.56 -3.75
N HIS A 53 7.63 1.29 -4.15
CA HIS A 53 8.65 0.39 -3.63
C HIS A 53 10.02 0.66 -4.23
N GLN A 54 10.06 1.19 -5.46
CA GLN A 54 11.35 1.57 -6.04
C GLN A 54 12.01 2.66 -5.20
N TYR A 55 11.22 3.52 -4.55
CA TYR A 55 11.76 4.66 -3.81
C TYR A 55 11.45 4.62 -2.31
N GLU A 56 11.22 3.44 -1.75
CA GLU A 56 10.78 3.43 -0.35
C GLU A 56 11.86 3.90 0.63
N GLU A 57 13.11 4.03 0.20
CA GLU A 57 14.16 4.56 1.05
C GLU A 57 14.24 6.09 1.03
N ARG A 58 13.48 6.76 0.17
CA ARG A 58 13.54 8.22 0.11
C ARG A 58 12.15 8.83 0.22
N LEU A 59 11.27 8.18 0.97
CA LEU A 59 9.89 8.64 1.03
C LEU A 59 9.78 10.05 1.61
N ASP A 60 10.69 10.43 2.49
CA ASP A 60 10.60 11.78 3.03
C ASP A 60 11.05 12.84 2.04
N GLU A 61 11.67 12.47 0.93
CA GLU A 61 12.17 13.44 -0.01
C GLU A 61 11.37 13.48 -1.30
N ILE A 62 10.28 12.73 -1.39
CA ILE A 62 9.59 12.49 -2.65
C ILE A 62 8.11 12.78 -2.52
N ALA A 63 7.52 13.41 -3.55
CA ALA A 63 6.08 13.41 -3.68
C ALA A 63 5.69 12.66 -4.94
N PHE A 64 4.67 11.83 -4.83
CA PHE A 64 4.21 10.94 -5.88
C PHE A 64 3.00 11.54 -6.58
N ILE A 65 2.90 11.25 -7.88
CA ILE A 65 1.74 11.59 -8.70
C ILE A 65 1.48 10.40 -9.60
N GLY A 66 0.22 10.03 -9.71
CA GLY A 66 -0.18 8.93 -10.58
C GLY A 66 -1.09 9.37 -11.71
N ILE A 67 -0.78 8.89 -12.92
CA ILE A 67 -1.63 9.06 -14.09
C ILE A 67 -2.17 7.68 -14.44
N HIS A 68 -3.48 7.54 -14.63
CA HIS A 68 -3.99 6.23 -14.99
C HIS A 68 -4.24 6.16 -16.49
N THR A 69 -3.66 5.16 -17.12
CA THR A 69 -3.87 4.97 -18.54
C THR A 69 -4.88 3.87 -18.82
N GLY A 70 -5.22 3.07 -17.82
CA GLY A 70 -6.38 2.19 -17.88
C GLY A 70 -7.58 2.83 -17.22
N HIS A 71 -8.39 1.99 -16.60
CA HIS A 71 -9.47 2.45 -15.74
C HIS A 71 -8.95 3.46 -14.71
N LEU A 72 -9.86 4.13 -14.00
CA LEU A 72 -9.46 4.93 -12.86
C LEU A 72 -8.75 4.02 -11.85
N GLY A 73 -7.42 4.09 -11.82
CA GLY A 73 -6.67 3.45 -10.78
C GLY A 73 -6.75 4.31 -9.53
N PHE A 74 -6.84 3.64 -8.38
CA PHE A 74 -7.24 4.32 -7.17
C PHE A 74 -6.24 5.39 -6.76
N TYR A 75 -4.92 5.16 -6.94
CA TYR A 75 -3.91 6.13 -6.53
C TYR A 75 -3.67 7.23 -7.58
N ALA A 76 -4.35 7.16 -8.71
CA ALA A 76 -4.17 8.10 -9.82
C ALA A 76 -5.03 9.35 -9.61
N ASP A 77 -4.48 10.52 -9.92
CA ASP A 77 -5.21 11.79 -9.87
C ASP A 77 -5.48 12.40 -11.23
N TRP A 78 -4.89 11.86 -12.28
CA TRP A 78 -4.88 12.49 -13.59
C TRP A 78 -5.20 11.45 -14.63
N ARG A 79 -5.96 11.87 -15.62
CA ARG A 79 -6.14 11.13 -16.84
C ARG A 79 -5.08 11.55 -17.85
N PRO A 80 -4.77 10.69 -18.80
CA PRO A 80 -3.74 11.03 -19.80
C PRO A 80 -3.97 12.34 -20.52
N ALA A 81 -5.22 12.69 -20.78
CA ALA A 81 -5.53 13.91 -21.53
C ALA A 81 -5.03 15.16 -20.82
N GLU A 82 -4.93 15.11 -19.50
CA GLU A 82 -4.49 16.23 -18.67
C GLU A 82 -2.99 16.27 -18.43
N ALA A 83 -2.22 15.41 -19.12
CA ALA A 83 -0.79 15.35 -18.85
C ALA A 83 -0.11 16.69 -19.04
N ASP A 84 -0.47 17.42 -20.12
CA ASP A 84 0.18 18.69 -20.38
C ASP A 84 -0.12 19.70 -19.28
N LYS A 85 -1.35 19.66 -18.76
CA LYS A 85 -1.70 20.59 -17.68
C LYS A 85 -0.90 20.28 -16.42
N LEU A 86 -0.67 18.99 -16.17
CA LEU A 86 0.16 18.54 -15.05
C LEU A 86 1.62 19.00 -15.20
N VAL A 87 2.20 18.80 -16.39
CA VAL A 87 3.56 19.31 -16.63
C VAL A 87 3.65 20.77 -16.21
N LYS A 88 2.70 21.59 -16.69
CA LYS A 88 2.73 23.01 -16.39
C LYS A 88 2.60 23.28 -14.90
N LEU A 89 1.57 22.71 -14.27
CA LEU A 89 1.34 22.99 -12.85
C LEU A 89 2.52 22.55 -12.00
N LEU A 90 3.07 21.39 -12.35
CA LEU A 90 4.20 20.84 -11.61
C LEU A 90 5.43 21.71 -11.81
N ALA A 91 5.63 22.21 -13.02
CA ALA A 91 6.80 23.03 -13.31
C ALA A 91 6.82 24.25 -12.41
N LYS A 92 5.69 24.93 -12.28
CA LYS A 92 5.65 26.11 -11.41
C LYS A 92 5.88 25.72 -9.96
N GLY A 93 5.18 24.70 -9.49
CA GLY A 93 5.35 24.22 -8.13
C GLY A 93 4.29 24.72 -7.19
N GLU A 94 4.68 25.00 -5.95
CA GLU A 94 3.80 25.58 -4.93
C GLU A 94 2.55 24.73 -4.67
N TYR A 95 2.55 23.48 -5.13
CA TYR A 95 1.48 22.53 -4.86
C TYR A 95 1.49 22.12 -3.39
N GLN A 96 0.43 21.46 -2.96
CA GLN A 96 0.28 21.03 -1.58
C GLN A 96 0.54 19.53 -1.49
N LYS A 97 1.34 19.13 -0.49
CA LYS A 97 1.60 17.74 -0.22
C LYS A 97 0.58 17.21 0.77
N VAL A 98 0.07 16.02 0.49
CA VAL A 98 -0.83 15.26 1.35
C VAL A 98 -0.11 13.97 1.70
N SER A 99 -0.26 13.49 2.95
CA SER A 99 0.44 12.30 3.40
C SER A 99 -0.56 11.21 3.78
N TYR A 100 -0.28 9.96 3.35
CA TYR A 100 -1.05 8.80 3.82
C TYR A 100 -0.20 7.92 4.73
N PRO A 101 -0.83 7.26 5.71
CA PRO A 101 -0.09 6.36 6.60
C PRO A 101 0.35 5.10 5.89
N LEU A 102 1.40 4.48 6.45
CA LEU A 102 1.97 3.25 5.92
C LEU A 102 2.02 2.21 7.02
N LEU A 103 2.24 0.96 6.60
CA LEU A 103 2.25 -0.19 7.50
C LEU A 103 3.64 -0.79 7.56
N LYS A 104 4.14 -1.03 8.77
CA LYS A 104 5.43 -1.69 8.93
C LYS A 104 5.21 -3.15 9.30
N THR A 105 5.84 -4.06 8.57
CA THR A 105 5.82 -5.48 8.91
C THR A 105 7.22 -5.90 9.30
N THR A 106 7.37 -6.57 10.44
CA THR A 106 8.64 -7.13 10.85
C THR A 106 8.50 -8.63 10.92
N VAL A 107 9.42 -9.33 10.29
CA VAL A 107 9.46 -10.77 10.33
C VAL A 107 10.74 -11.17 11.05
N LYS A 108 10.59 -11.88 12.17
CA LYS A 108 11.69 -12.37 12.96
C LYS A 108 11.87 -13.86 12.70
N TYR A 109 13.13 -14.31 12.61
CA TYR A 109 13.52 -15.71 12.44
C TYR A 109 14.36 -16.27 13.59
N GLY A 110 15.00 -17.41 13.36
CA GLY A 110 15.95 -18.00 14.29
C GLY A 110 17.28 -18.37 13.68
N LYS A 114 17.29 -13.65 13.25
CA LYS A 114 17.43 -12.61 12.24
C LYS A 114 16.08 -11.92 12.00
N GLU A 115 16.07 -10.82 11.23
CA GLU A 115 14.89 -9.95 11.17
C GLU A 115 14.84 -9.15 9.87
N ALA A 116 13.68 -9.16 9.23
CA ALA A 116 13.44 -8.39 8.01
C ALA A 116 12.29 -7.44 8.25
N THR A 117 12.39 -6.22 7.74
CA THR A 117 11.27 -5.28 7.80
C THR A 117 10.80 -4.90 6.39
N TYR A 118 9.49 -4.69 6.27
CA TYR A 118 8.90 -4.29 5.00
C TYR A 118 7.93 -3.15 5.24
N LEU A 119 7.75 -2.34 4.22
CA LEU A 119 6.82 -1.24 4.27
C LEU A 119 5.73 -1.49 3.22
N ALA A 120 4.47 -1.31 3.61
CA ALA A 120 3.34 -1.52 2.71
C ALA A 120 2.50 -0.25 2.55
N LEU A 121 2.08 0.01 1.31
CA LEU A 121 1.14 1.09 1.02
C LEU A 121 -0.29 0.56 0.97
N ASN A 122 -0.48 -0.68 0.52
CA ASN A 122 -1.80 -1.29 0.52
C ASN A 122 -1.95 -2.21 1.73
N GLU A 123 -1.25 -3.33 1.74
CA GLU A 123 -1.45 -4.26 2.85
C GLU A 123 -0.32 -5.27 2.91
N SER A 124 -0.28 -5.98 4.04
CA SER A 124 0.59 -7.14 4.20
C SER A 124 -0.29 -8.33 4.54
N THR A 125 -0.13 -9.45 3.85
CA THR A 125 -0.95 -10.62 4.16
C THR A 125 -0.06 -11.78 4.54
N VAL A 126 -0.62 -12.69 5.31
CA VAL A 126 0.11 -13.89 5.69
C VAL A 126 -0.80 -15.10 5.47
N LYS A 127 -0.25 -16.13 4.82
CA LYS A 127 -0.90 -17.42 4.62
C LYS A 127 0.10 -18.53 4.95
N SER A 128 -0.37 -19.77 4.98
CA SER A 128 0.54 -20.88 5.23
C SER A 128 1.25 -21.28 3.95
N SER A 129 2.38 -21.96 4.10
CA SER A 129 3.12 -22.44 2.95
C SER A 129 2.62 -23.79 2.44
N GLY A 130 1.34 -24.13 2.65
CA GLY A 130 0.84 -25.41 2.19
C GLY A 130 -0.10 -26.11 3.15
N GLY A 131 0.30 -26.24 4.41
CA GLY A 131 -0.53 -26.86 5.41
C GLY A 131 -1.56 -25.90 5.95
N PRO A 132 -2.27 -26.29 7.01
CA PRO A 132 -3.22 -25.37 7.64
C PRO A 132 -2.52 -24.18 8.28
N PHE A 133 -3.19 -23.04 8.24
CA PHE A 133 -2.68 -21.80 8.81
C PHE A 133 -3.22 -21.66 10.22
N VAL A 134 -2.34 -21.69 11.23
CA VAL A 134 -2.76 -21.48 12.61
C VAL A 134 -1.76 -20.53 13.26
N VAL A 135 -2.23 -19.41 13.78
CA VAL A 135 -1.34 -18.51 14.49
C VAL A 135 -2.00 -17.97 15.74
N ASP A 136 -1.19 -17.65 16.74
CA ASP A 136 -1.72 -16.94 17.89
C ASP A 136 -1.59 -15.46 17.59
N VAL A 137 -2.67 -14.71 17.83
CA VAL A 137 -2.69 -13.28 17.58
C VAL A 137 -2.51 -12.60 18.92
N VAL A 138 -1.45 -11.80 19.03
CA VAL A 138 -1.08 -11.16 20.29
C VAL A 138 -1.09 -9.66 20.08
N ILE A 139 -1.89 -8.94 20.84
CA ILE A 139 -2.04 -7.51 20.68
C ILE A 139 -1.42 -6.83 21.88
N ASN A 140 -0.38 -6.05 21.66
CA ASN A 140 0.29 -5.37 22.79
C ASN A 140 0.60 -6.37 23.91
N ASP A 141 1.12 -7.53 23.54
CA ASP A 141 1.50 -8.61 24.48
C ASP A 141 0.32 -9.34 25.12
N ILE A 142 -0.91 -9.04 24.72
CA ILE A 142 -2.12 -9.69 25.22
C ILE A 142 -2.51 -10.76 24.20
N HIS A 143 -2.60 -12.01 24.65
CA HIS A 143 -3.03 -13.13 23.81
C HIS A 143 -4.52 -12.98 23.52
N PHE A 144 -4.84 -12.67 22.27
CA PHE A 144 -6.19 -12.27 21.89
C PHE A 144 -7.00 -13.40 21.25
N GLU A 145 -6.42 -14.17 20.33
CA GLU A 145 -7.16 -15.28 19.74
C GLU A 145 -6.14 -16.21 19.11
N ARG A 146 -6.56 -17.48 18.92
CA ARG A 146 -5.86 -18.41 18.04
C ARG A 146 -6.62 -18.44 16.74
N PHE A 147 -5.99 -17.94 15.68
CA PHE A 147 -6.64 -17.87 14.38
C PHE A 147 -6.37 -19.13 13.57
N ARG A 148 -7.43 -19.75 13.08
CA ARG A 148 -7.34 -20.86 12.15
C ARG A 148 -8.15 -20.48 10.93
N GLY A 149 -7.55 -20.60 9.76
CA GLY A 149 -8.28 -20.26 8.54
C GLY A 149 -7.32 -20.19 7.39
N ASP A 150 -7.69 -19.39 6.37
CA ASP A 150 -6.81 -19.30 5.21
C ASP A 150 -5.67 -18.31 5.40
N GLY A 151 -5.88 -17.24 6.17
CA GLY A 151 -4.84 -16.24 6.31
C GLY A 151 -5.38 -14.97 6.93
N LEU A 152 -4.50 -13.99 7.05
CA LEU A 152 -4.83 -12.71 7.67
C LEU A 152 -4.32 -11.60 6.75
N CYS A 153 -4.99 -10.46 6.75
CA CYS A 153 -4.61 -9.29 5.96
C CYS A 153 -4.56 -8.08 6.86
N MET A 154 -3.43 -7.37 6.86
CA MET A 154 -3.33 -6.13 7.61
C MET A 154 -3.19 -4.98 6.62
N SER A 155 -4.10 -4.01 6.70
CA SER A 155 -4.23 -2.98 5.67
C SER A 155 -3.92 -1.59 6.21
N THR A 156 -3.35 -0.74 5.37
CA THR A 156 -3.29 0.69 5.64
C THR A 156 -4.66 1.33 5.35
N PRO A 157 -4.86 2.59 5.72
CA PRO A 157 -6.12 3.28 5.34
C PRO A 157 -6.34 3.30 3.84
N SER A 158 -5.32 3.66 3.06
CA SER A 158 -5.54 3.70 1.60
C SER A 158 -5.68 2.29 1.05
N GLY A 159 -5.12 1.29 1.73
CA GLY A 159 -5.34 -0.09 1.31
C GLY A 159 -6.70 -0.63 1.67
N THR A 160 -7.50 0.12 2.42
CA THR A 160 -8.75 -0.47 2.86
C THR A 160 -9.72 -0.65 1.71
N THR A 161 -9.51 0.06 0.61
CA THR A 161 -10.35 -0.14 -0.57
C THR A 161 -9.85 -1.27 -1.47
N ALA A 162 -8.76 -1.94 -1.09
CA ALA A 162 -8.14 -2.96 -1.91
C ALA A 162 -8.53 -4.35 -1.38
N TYR A 163 -7.59 -5.24 -1.12
CA TYR A 163 -7.87 -6.59 -0.66
C TYR A 163 -8.74 -6.55 0.60
N ASN A 164 -8.45 -5.62 1.49
CA ASN A 164 -9.25 -5.45 2.71
C ASN A 164 -10.74 -5.40 2.41
N LYS A 165 -11.11 -4.67 1.35
CA LYS A 165 -12.53 -4.49 1.06
C LYS A 165 -13.15 -5.84 0.68
N SER A 166 -12.43 -6.64 -0.11
CA SER A 166 -12.94 -7.94 -0.56
C SER A 166 -13.15 -8.89 0.58
N LEU A 167 -12.40 -8.71 1.66
CA LEU A 167 -12.48 -9.54 2.87
C LEU A 167 -13.47 -9.02 3.88
N GLY A 168 -14.25 -8.02 3.51
CA GLY A 168 -15.26 -7.49 4.40
C GLY A 168 -14.82 -6.39 5.34
N GLY A 169 -13.62 -5.83 5.15
CA GLY A 169 -13.15 -4.77 6.00
C GLY A 169 -13.85 -3.44 5.78
N ALA A 170 -13.67 -2.54 6.75
CA ALA A 170 -14.22 -1.19 6.66
C ALA A 170 -13.33 -0.33 5.77
N LEU A 171 -13.94 0.65 5.10
CA LEU A 171 -13.12 1.63 4.37
C LEU A 171 -12.81 2.77 5.33
N MET A 172 -11.54 3.12 5.49
CA MET A 172 -11.11 4.12 6.46
C MET A 172 -10.50 5.31 5.75
N HIS A 173 -10.91 6.49 6.15
CA HIS A 173 -10.32 7.70 5.61
C HIS A 173 -8.84 7.80 5.99
N PRO A 174 -7.96 8.13 5.03
CA PRO A 174 -6.52 8.05 5.29
C PRO A 174 -5.96 9.13 6.20
N SER A 175 -6.77 10.07 6.67
CA SER A 175 -6.30 10.95 7.75
C SER A 175 -6.20 10.20 9.09
N ILE A 176 -6.75 9.00 9.15
CA ILE A 176 -6.73 8.23 10.39
C ILE A 176 -5.47 7.38 10.40
N GLU A 177 -4.62 7.57 11.40
CA GLU A 177 -3.35 6.85 11.47
C GLU A 177 -3.65 5.50 12.13
N ALA A 178 -3.96 4.49 11.32
CA ALA A 178 -4.39 3.19 11.81
C ALA A 178 -4.03 2.09 10.82
N MET A 179 -4.21 0.85 11.26
CA MET A 179 -4.11 -0.33 10.40
C MET A 179 -5.30 -1.23 10.73
N GLN A 180 -5.73 -2.02 9.74
CA GLN A 180 -6.94 -2.84 9.91
C GLN A 180 -6.63 -4.30 9.60
N LEU A 181 -6.97 -5.19 10.56
CA LEU A 181 -6.75 -6.62 10.41
C LEU A 181 -8.05 -7.31 9.99
N THR A 182 -8.01 -8.04 8.86
CA THR A 182 -9.17 -8.80 8.41
C THR A 182 -8.79 -10.27 8.26
N GLU A 183 -9.80 -11.11 8.47
CA GLU A 183 -9.68 -12.56 8.38
C GLU A 183 -9.96 -13.07 6.97
N MET A 184 -9.24 -14.10 6.57
CA MET A 184 -9.54 -14.86 5.37
C MET A 184 -10.08 -16.21 5.82
N ALA A 185 -11.37 -16.43 5.64
CA ALA A 185 -12.04 -17.73 5.77
C ALA A 185 -11.68 -18.39 7.11
N SER A 186 -12.01 -17.70 8.19
CA SER A 186 -11.75 -18.28 9.52
C SER A 186 -12.72 -19.42 9.81
N ILE A 187 -12.23 -20.43 10.53
CA ILE A 187 -13.13 -21.51 10.92
C ILE A 187 -13.72 -21.16 12.28
N ASN A 188 -15.01 -21.40 12.41
CA ASN A 188 -15.67 -21.18 13.70
C ASN A 188 -16.62 -22.34 13.95
N ASN A 189 -16.37 -23.06 15.04
CA ASN A 189 -17.24 -24.15 15.48
C ASN A 189 -17.16 -24.22 17.00
N ARG A 190 -17.66 -25.32 17.55
CA ARG A 190 -17.64 -25.50 19.01
C ARG A 190 -16.22 -25.41 19.57
N VAL A 191 -15.21 -25.89 18.84
CA VAL A 191 -13.84 -25.90 19.38
C VAL A 191 -12.94 -24.75 18.90
N TYR A 192 -13.21 -24.16 17.75
CA TYR A 192 -12.37 -23.09 17.22
C TYR A 192 -13.17 -21.80 17.16
N ARG A 193 -12.57 -20.69 17.64
CA ARG A 193 -13.23 -19.39 17.82
C ARG A 193 -12.30 -18.26 17.41
N THR A 194 -12.76 -17.37 16.54
CA THR A 194 -12.07 -16.11 16.29
C THR A 194 -13.06 -14.97 16.46
N ILE A 195 -12.56 -13.75 16.41
CA ILE A 195 -13.43 -12.60 16.62
C ILE A 195 -14.40 -12.41 15.45
N GLY A 196 -14.03 -12.77 14.23
N GLY A 196 -13.98 -12.80 14.24
CA GLY A 196 -15.04 -12.69 13.17
CA GLY A 196 -14.71 -12.63 12.95
C GLY A 196 -15.48 -11.30 12.76
C GLY A 196 -14.59 -11.24 12.39
N SER A 197 -14.81 -10.26 13.22
CA SER A 197 -14.93 -8.89 12.77
C SER A 197 -13.55 -8.35 12.42
N PRO A 198 -13.46 -7.44 11.44
CA PRO A 198 -12.22 -6.68 11.26
C PRO A 198 -11.85 -5.92 12.52
N LEU A 199 -10.55 -5.73 12.73
CA LEU A 199 -10.08 -4.97 13.88
C LEU A 199 -9.29 -3.79 13.37
N VAL A 200 -9.54 -2.62 13.95
CA VAL A 200 -8.84 -1.39 13.59
C VAL A 200 -7.98 -0.95 14.77
N PHE A 201 -6.65 -0.81 14.52
CA PHE A 201 -5.63 -0.51 15.52
C PHE A 201 -5.05 0.88 15.32
N PRO A 202 -4.87 1.64 16.39
CA PRO A 202 -4.19 2.93 16.27
C PRO A 202 -2.68 2.77 16.16
N LYS A 203 -2.06 3.91 15.88
CA LYS A 203 -0.62 4.05 15.93
C LYS A 203 -0.14 3.62 17.32
N HIS A 204 1.00 2.93 17.35
CA HIS A 204 1.69 2.47 18.55
C HIS A 204 1.14 1.16 19.10
N HIS A 205 0.02 0.64 18.60
CA HIS A 205 -0.34 -0.73 18.93
C HIS A 205 0.45 -1.68 18.05
N VAL A 206 0.85 -2.81 18.63
CA VAL A 206 1.62 -3.81 17.91
C VAL A 206 0.81 -5.10 17.90
N VAL A 207 0.63 -5.66 16.72
CA VAL A 207 -0.04 -6.93 16.54
C VAL A 207 1.02 -7.91 16.10
N SER A 208 1.15 -8.98 16.87
CA SER A 208 2.15 -9.99 16.63
C SER A 208 1.45 -11.30 16.29
N LEU A 209 1.88 -11.97 15.23
CA LEU A 209 1.39 -13.30 14.89
C LEU A 209 2.47 -14.30 15.27
N GLN A 210 2.10 -15.32 16.03
CA GLN A 210 3.08 -16.27 16.54
C GLN A 210 2.69 -17.68 16.11
N PRO A 211 3.59 -18.43 15.48
CA PRO A 211 3.22 -19.74 14.95
C PRO A 211 2.90 -20.71 16.06
N VAL A 212 2.02 -21.66 15.74
CA VAL A 212 1.56 -22.65 16.70
C VAL A 212 2.12 -24.03 16.38
N ASN A 213 2.15 -24.39 15.11
CA ASN A 213 2.77 -25.64 14.67
C ASN A 213 3.76 -25.36 13.55
N ASP A 214 3.27 -25.37 12.32
CA ASP A 214 4.09 -25.01 11.17
C ASP A 214 4.69 -23.63 11.35
N LYS A 215 5.93 -23.47 10.93
CA LYS A 215 6.62 -22.19 11.05
C LYS A 215 6.92 -21.54 9.70
N ASP A 216 6.46 -22.11 8.60
CA ASP A 216 6.69 -21.54 7.28
C ASP A 216 5.46 -20.80 6.77
N PHE A 217 5.66 -19.59 6.28
CA PHE A 217 4.54 -18.76 5.87
C PHE A 217 4.84 -18.07 4.55
N GLN A 218 3.78 -17.82 3.79
CA GLN A 218 3.87 -17.01 2.60
C GLN A 218 3.39 -15.60 2.99
N ILE A 219 4.29 -14.63 2.94
CA ILE A 219 3.99 -13.28 3.39
C ILE A 219 4.00 -12.35 2.18
N SER A 220 2.90 -11.63 1.99
CA SER A 220 2.89 -10.69 0.88
C SER A 220 2.95 -9.28 1.46
N VAL A 221 3.60 -8.38 0.72
CA VAL A 221 3.64 -6.97 1.03
C VAL A 221 3.28 -6.28 -0.29
N ASP A 222 2.08 -5.69 -0.37
CA ASP A 222 1.61 -5.14 -1.67
C ASP A 222 1.68 -6.30 -2.68
N HIS A 223 2.16 -6.16 -3.91
CA HIS A 223 2.18 -7.23 -4.90
CA HIS A 223 1.96 -7.41 -4.64
C HIS A 223 3.18 -8.35 -4.60
N LEU A 224 4.08 -8.16 -3.65
CA LEU A 224 5.28 -8.99 -3.55
C LEU A 224 5.05 -10.11 -2.55
N SER A 225 5.10 -11.36 -3.00
CA SER A 225 4.84 -12.54 -2.17
C SER A 225 6.13 -13.32 -1.99
N ILE A 226 6.45 -13.68 -0.75
CA ILE A 226 7.72 -14.28 -0.39
C ILE A 226 7.48 -15.43 0.58
N LEU A 227 8.15 -16.54 0.35
CA LEU A 227 8.10 -17.64 1.31
C LEU A 227 9.10 -17.38 2.42
N HIS A 228 8.64 -17.37 3.67
CA HIS A 228 9.53 -17.22 4.81
C HIS A 228 9.53 -18.53 5.60
N ARG A 229 10.72 -19.01 5.90
CA ARG A 229 10.87 -20.26 6.60
C ARG A 229 11.41 -19.99 7.99
N ASP A 230 10.98 -20.81 8.96
CA ASP A 230 11.53 -20.74 10.31
C ASP A 230 11.16 -19.43 10.99
N VAL A 231 9.91 -19.01 10.84
CA VAL A 231 9.46 -17.73 11.38
C VAL A 231 9.13 -17.89 12.85
N GLN A 232 9.60 -16.96 13.68
CA GLN A 232 9.23 -16.92 15.08
C GLN A 232 8.08 -15.97 15.35
N GLU A 233 7.94 -14.91 14.55
CA GLU A 233 6.99 -13.86 14.85
C GLU A 233 6.84 -12.97 13.62
N ILE A 234 5.63 -12.53 13.33
CA ILE A 234 5.36 -11.46 12.38
C ILE A 234 4.71 -10.33 13.17
N ARG A 235 5.27 -9.13 13.07
CA ARG A 235 4.80 -8.00 13.87
C ARG A 235 4.32 -6.90 12.94
N TYR A 236 3.17 -6.35 13.27
CA TYR A 236 2.57 -5.25 12.51
C TYR A 236 2.41 -4.00 13.37
N GLU A 237 2.68 -2.83 12.79
CA GLU A 237 2.45 -1.57 13.47
C GLU A 237 2.35 -0.51 12.41
N VAL A 238 1.63 0.57 12.72
CA VAL A 238 1.65 1.72 11.82
C VAL A 238 3.07 2.30 11.76
N SER A 239 3.57 2.47 10.53
CA SER A 239 4.92 2.99 10.35
C SER A 239 5.00 4.44 10.80
N ALA A 240 6.19 4.86 11.21
CA ALA A 240 6.45 6.29 11.36
C ALA A 240 6.61 6.99 10.02
N LYS A 241 6.90 6.24 8.96
CA LYS A 241 7.08 6.82 7.64
C LYS A 241 5.73 7.04 6.99
N LYS A 242 5.67 8.03 6.09
CA LYS A 242 4.45 8.37 5.38
C LYS A 242 4.78 8.51 3.91
N ILE A 243 3.79 8.29 3.06
CA ILE A 243 3.94 8.59 1.63
C ILE A 243 3.30 9.94 1.37
N HIS A 244 3.94 10.73 0.53
CA HIS A 244 3.49 12.08 0.22
C HIS A 244 3.04 12.12 -1.23
N PHE A 245 1.87 12.72 -1.45
CA PHE A 245 1.34 12.95 -2.80
C PHE A 245 1.40 14.43 -3.13
N ALA A 246 1.69 14.75 -4.39
CA ALA A 246 1.53 16.13 -4.84
C ALA A 246 0.08 16.30 -5.28
N ARG A 247 -0.62 17.26 -4.71
CA ARG A 247 -2.01 17.51 -5.06
C ARG A 247 -2.13 18.90 -5.67
N PHE A 248 -2.81 19.00 -6.80
CA PHE A 248 -2.95 20.26 -7.50
C PHE A 248 -4.37 20.79 -7.47
N ARG A 249 -5.29 19.97 -7.00
CA ARG A 249 -6.71 20.30 -6.97
C ARG A 249 -7.36 19.37 -5.96
N SER A 250 -8.58 19.72 -5.58
CA SER A 250 -9.33 18.87 -4.67
C SER A 250 -9.80 17.60 -5.37
N PHE A 251 -9.52 16.47 -4.74
CA PHE A 251 -10.11 15.20 -5.15
C PHE A 251 -10.26 14.40 -3.87
N PRO A 252 -11.31 14.67 -3.10
CA PRO A 252 -11.44 14.08 -1.77
C PRO A 252 -11.49 12.57 -1.83
N PHE A 253 -10.97 11.94 -0.77
CA PHE A 253 -10.96 10.48 -0.69
C PHE A 253 -12.35 9.91 -0.91
N TRP A 254 -13.38 10.49 -0.28
CA TRP A 254 -14.69 9.88 -0.42
C TRP A 254 -15.24 10.04 -1.85
N ARG A 255 -14.84 11.11 -2.56
CA ARG A 255 -15.19 11.17 -3.98
C ARG A 255 -14.41 10.13 -4.78
N ARG A 256 -13.15 9.92 -4.41
CA ARG A 256 -12.35 8.88 -5.05
C ARG A 256 -13.01 7.52 -4.87
N VAL A 257 -13.50 7.24 -3.64
CA VAL A 257 -14.24 6.00 -3.39
C VAL A 257 -15.51 5.94 -4.22
N HIS A 258 -16.27 7.04 -4.23
CA HIS A 258 -17.49 7.09 -5.04
C HIS A 258 -17.18 6.76 -6.50
N ASP A 259 -16.18 7.41 -7.04
CA ASP A 259 -15.86 7.24 -8.46
C ASP A 259 -15.36 5.83 -8.78
N SER A 260 -14.70 5.16 -7.82
CA SER A 260 -14.20 3.80 -8.08
C SER A 260 -15.23 2.71 -7.85
N PHE A 261 -16.23 2.94 -6.97
CA PHE A 261 -17.14 1.86 -6.60
C PHE A 261 -18.61 2.13 -6.87
N ILE A 262 -19.02 3.39 -6.99
CA ILE A 262 -20.45 3.65 -7.08
C ILE A 262 -20.80 3.95 -8.55
N GLU A 263 -20.13 4.94 -9.15
CA GLU A 263 -20.33 5.28 -10.57
C GLU A 263 -19.41 6.40 -11.00
N ASP A 264 -19.05 6.45 -12.29
CA ASP A 264 -18.17 7.49 -12.81
C ASP A 264 -18.31 7.66 -14.33
#